data_2RUO
#
_entry.id   2RUO
#
_entity_poly.entity_id   1
_entity_poly.type   'polypeptide(L)'
_entity_poly.pdbx_seq_one_letter_code
;GAALQIPFAMQMAYRF
;
_entity_poly.pdbx_strand_id   A
#
# COMPACT_ATOMS: atom_id res chain seq x y z
N GLY A 1 12.64 -1.39 -4.28
CA GLY A 1 12.82 -1.52 -2.85
C GLY A 1 11.72 -0.83 -2.06
N ALA A 2 11.56 0.46 -2.29
CA ALA A 2 10.54 1.24 -1.61
C ALA A 2 9.40 1.63 -2.55
N ALA A 3 9.22 0.83 -3.59
CA ALA A 3 8.17 1.09 -4.57
C ALA A 3 6.85 0.43 -4.16
N LEU A 4 6.96 -0.63 -3.36
CA LEU A 4 5.78 -1.34 -2.90
C LEU A 4 5.26 -0.75 -1.59
N GLN A 5 6.10 0.05 -0.94
CA GLN A 5 5.72 0.69 0.32
C GLN A 5 4.71 1.80 0.10
N ILE A 6 4.61 2.26 -1.16
CA ILE A 6 3.68 3.32 -1.51
C ILE A 6 2.26 2.79 -1.66
N PRO A 7 2.09 1.82 -2.58
CA PRO A 7 0.79 1.20 -2.85
C PRO A 7 0.32 0.32 -1.69
N PHE A 8 1.25 -0.04 -0.81
CA PHE A 8 0.92 -0.87 0.34
C PHE A 8 0.01 -0.14 1.32
N ALA A 9 0.18 1.18 1.41
CA ALA A 9 -0.62 2.00 2.29
C ALA A 9 -2.03 2.16 1.75
N MET A 10 -2.16 2.26 0.44
CA MET A 10 -3.46 2.42 -0.21
C MET A 10 -4.17 1.07 -0.32
N GLN A 11 -3.39 0.01 -0.50
CA GLN A 11 -3.94 -1.33 -0.63
C GLN A 11 -4.68 -1.74 0.65
N MET A 12 -4.27 -1.17 1.77
CA MET A 12 -4.89 -1.48 3.05
C MET A 12 -6.04 -0.52 3.35
N ALA A 13 -5.93 0.70 2.83
CA ALA A 13 -6.96 1.71 3.04
C ALA A 13 -8.33 1.19 2.62
N TYR A 14 -8.37 0.45 1.52
CA TYR A 14 -9.61 -0.10 1.00
C TYR A 14 -9.85 -1.51 1.54
N ARG A 15 -8.76 -2.21 1.84
CA ARG A 15 -8.84 -3.57 2.36
C ARG A 15 -9.68 -3.61 3.64
N PHE A 16 -9.80 -2.45 4.30
CA PHE A 16 -10.56 -2.35 5.53
C PHE A 16 -11.96 -2.94 5.36
N GLY A 1 11.54 -2.41 -3.30
CA GLY A 1 10.91 -2.44 -2.00
C GLY A 1 10.27 -1.11 -1.64
N ALA A 2 11.05 -0.03 -1.75
CA ALA A 2 10.55 1.30 -1.44
C ALA A 2 9.41 1.69 -2.36
N ALA A 3 9.39 1.11 -3.55
CA ALA A 3 8.35 1.40 -4.53
C ALA A 3 7.04 0.71 -4.15
N LEU A 4 7.15 -0.38 -3.41
CA LEU A 4 5.97 -1.14 -2.99
C LEU A 4 5.43 -0.61 -1.67
N GLN A 5 6.26 0.18 -0.97
CA GLN A 5 5.86 0.74 0.32
C GLN A 5 4.83 1.86 0.12
N ILE A 6 4.74 2.37 -1.10
CA ILE A 6 3.81 3.43 -1.41
C ILE A 6 2.39 2.89 -1.61
N PRO A 7 2.25 1.96 -2.57
CA PRO A 7 0.95 1.34 -2.88
C PRO A 7 0.48 0.40 -1.77
N PHE A 8 1.41 0.02 -0.89
CA PHE A 8 1.09 -0.87 0.22
C PHE A 8 0.17 -0.18 1.23
N ALA A 9 0.32 1.14 1.35
CA ALA A 9 -0.49 1.92 2.28
C ALA A 9 -1.89 2.12 1.73
N MET A 10 -2.00 2.22 0.40
CA MET A 10 -3.30 2.42 -0.24
C MET A 10 -4.01 1.09 -0.45
N GLN A 11 -3.23 0.02 -0.64
CA GLN A 11 -3.79 -1.30 -0.85
C GLN A 11 -4.54 -1.78 0.38
N MET A 12 -4.15 -1.27 1.54
CA MET A 12 -4.80 -1.65 2.80
C MET A 12 -5.94 -0.70 3.13
N ALA A 13 -5.82 0.54 2.68
CA ALA A 13 -6.85 1.55 2.93
C ALA A 13 -8.22 1.06 2.46
N TYR A 14 -8.24 0.39 1.31
CA TYR A 14 -9.48 -0.14 0.75
C TYR A 14 -9.73 -1.56 1.21
N ARG A 15 -8.64 -2.29 1.48
CA ARG A 15 -8.75 -3.67 1.94
C ARG A 15 -9.60 -3.78 3.20
N PHE A 16 -9.72 -2.67 3.91
CA PHE A 16 -10.51 -2.63 5.14
C PHE A 16 -11.90 -3.19 4.90
N GLY A 1 12.63 -2.25 -1.98
CA GLY A 1 11.23 -2.57 -1.71
C GLY A 1 10.43 -1.37 -1.28
N ALA A 2 10.68 -0.23 -1.91
CA ALA A 2 9.97 1.00 -1.58
C ALA A 2 8.82 1.25 -2.55
N ALA A 3 8.95 0.71 -3.76
CA ALA A 3 7.91 0.87 -4.78
C ALA A 3 6.62 0.20 -4.37
N LEU A 4 6.73 -0.83 -3.52
CA LEU A 4 5.57 -1.57 -3.05
C LEU A 4 4.99 -0.94 -1.79
N GLN A 5 5.79 -0.07 -1.15
CA GLN A 5 5.36 0.59 0.07
C GLN A 5 4.31 1.67 -0.24
N ILE A 6 4.23 2.06 -1.50
CA ILE A 6 3.28 3.08 -1.92
C ILE A 6 1.88 2.48 -2.09
N PRO A 7 1.77 1.47 -2.97
CA PRO A 7 0.50 0.80 -3.24
C PRO A 7 0.02 -0.04 -2.06
N PHE A 8 0.94 -0.34 -1.14
CA PHE A 8 0.62 -1.13 0.04
C PHE A 8 -0.24 -0.34 1.01
N ALA A 9 0.00 0.97 1.08
CA ALA A 9 -0.77 1.85 1.97
C ALA A 9 -2.13 2.17 1.38
N MET A 10 -2.24 2.08 0.06
CA MET A 10 -3.50 2.37 -0.63
C MET A 10 -4.33 1.09 -0.79
N GLN A 11 -3.66 -0.03 -0.92
CA GLN A 11 -4.34 -1.32 -1.07
C GLN A 11 -4.90 -1.81 0.25
N MET A 12 -4.25 -1.40 1.35
CA MET A 12 -4.68 -1.81 2.68
C MET A 12 -5.66 -0.79 3.26
N ALA A 13 -5.52 0.46 2.86
CA ALA A 13 -6.39 1.53 3.34
C ALA A 13 -7.86 1.19 3.10
N TYR A 14 -8.14 0.58 1.94
CA TYR A 14 -9.50 0.21 1.60
C TYR A 14 -9.79 -1.22 2.03
N ARG A 15 -8.76 -2.05 2.07
CA ARG A 15 -8.91 -3.45 2.46
C ARG A 15 -9.53 -3.55 3.85
N PHE A 16 -9.41 -2.49 4.63
CA PHE A 16 -9.95 -2.46 5.98
C PHE A 16 -11.42 -2.90 5.98
N GLY A 1 11.80 -2.47 -1.07
CA GLY A 1 10.36 -2.40 -1.27
C GLY A 1 9.83 -0.98 -1.18
N ALA A 2 10.69 -0.01 -1.47
CA ALA A 2 10.30 1.39 -1.41
C ALA A 2 9.20 1.70 -2.43
N ALA A 3 9.14 0.89 -3.48
CA ALA A 3 8.14 1.08 -4.53
C ALA A 3 6.83 0.38 -4.16
N LEU A 4 6.94 -0.65 -3.33
CA LEU A 4 5.77 -1.41 -2.90
C LEU A 4 5.15 -0.81 -1.65
N GLN A 5 5.91 0.05 -0.98
CA GLN A 5 5.44 0.71 0.24
C GLN A 5 4.40 1.78 -0.08
N ILE A 6 4.36 2.19 -1.34
CA ILE A 6 3.40 3.20 -1.78
C ILE A 6 2.02 2.59 -2.00
N PRO A 7 1.94 1.60 -2.88
CA PRO A 7 0.68 0.91 -3.19
C PRO A 7 0.18 0.05 -2.04
N PHE A 8 1.07 -0.24 -1.10
CA PHE A 8 0.72 -1.05 0.06
C PHE A 8 -0.19 -0.28 1.01
N ALA A 9 0.01 1.03 1.08
CA ALA A 9 -0.80 1.87 1.96
C ALA A 9 -2.16 2.17 1.32
N MET A 10 -2.22 2.08 0.00
CA MET A 10 -3.46 2.33 -0.72
C MET A 10 -4.26 1.05 -0.92
N GLN A 11 -3.54 -0.07 -1.04
CA GLN A 11 -4.18 -1.37 -1.23
C GLN A 11 -4.78 -1.88 0.07
N MET A 12 -4.19 -1.46 1.19
CA MET A 12 -4.66 -1.88 2.50
C MET A 12 -5.69 -0.90 3.05
N ALA A 13 -5.55 0.37 2.67
CA ALA A 13 -6.48 1.40 3.11
C ALA A 13 -7.93 1.02 2.82
N TYR A 14 -8.15 0.41 1.66
CA TYR A 14 -9.49 0.00 1.26
C TYR A 14 -9.75 -1.44 1.68
N ARG A 15 -8.69 -2.24 1.74
CA ARG A 15 -8.81 -3.64 2.13
C ARG A 15 -9.49 -3.77 3.49
N PHE A 16 -9.43 -2.71 4.28
CA PHE A 16 -10.03 -2.71 5.61
C PHE A 16 -11.48 -3.17 5.55
N GLY A 1 14.39 0.09 -3.33
CA GLY A 1 13.29 -0.71 -3.83
C GLY A 1 12.03 -0.54 -2.99
N ALA A 2 11.68 0.73 -2.70
CA ALA A 2 10.50 1.02 -1.92
C ALA A 2 9.35 1.49 -2.80
N ALA A 3 9.26 0.89 -4.00
CA ALA A 3 8.21 1.24 -4.94
C ALA A 3 6.88 0.57 -4.57
N LEU A 4 6.98 -0.55 -3.87
CA LEU A 4 5.80 -1.30 -3.46
C LEU A 4 5.30 -0.82 -2.10
N GLN A 5 6.15 -0.09 -1.40
CA GLN A 5 5.78 0.44 -0.08
C GLN A 5 4.79 1.59 -0.20
N ILE A 6 4.68 2.15 -1.41
CA ILE A 6 3.77 3.25 -1.66
C ILE A 6 2.34 2.74 -1.84
N PRO A 7 2.15 1.87 -2.83
CA PRO A 7 0.84 1.29 -3.15
C PRO A 7 0.37 0.32 -2.07
N PHE A 8 1.30 -0.12 -1.23
CA PHE A 8 0.97 -1.05 -0.15
C PHE A 8 0.12 -0.38 0.92
N ALA A 9 0.36 0.91 1.13
CA ALA A 9 -0.39 1.68 2.11
C ALA A 9 -1.83 1.91 1.67
N MET A 10 -2.01 2.08 0.36
CA MET A 10 -3.34 2.30 -0.21
C MET A 10 -4.07 0.98 -0.42
N GLN A 11 -3.32 -0.05 -0.79
CA GLN A 11 -3.90 -1.37 -1.03
C GLN A 11 -4.63 -1.88 0.22
N MET A 12 -4.20 -1.41 1.38
CA MET A 12 -4.82 -1.81 2.64
C MET A 12 -5.94 -0.86 3.03
N ALA A 13 -5.81 0.41 2.62
CA ALA A 13 -6.82 1.41 2.92
C ALA A 13 -8.20 0.95 2.50
N TYR A 14 -8.27 0.30 1.34
CA TYR A 14 -9.54 -0.19 0.81
C TYR A 14 -9.79 -1.63 1.25
N ARG A 15 -8.70 -2.37 1.45
CA ARG A 15 -8.81 -3.77 1.87
C ARG A 15 -9.60 -3.89 3.16
N PHE A 16 -9.67 -2.80 3.92
CA PHE A 16 -10.41 -2.79 5.17
C PHE A 16 -11.82 -3.32 4.98
N GLY A 1 14.16 0.74 -3.08
CA GLY A 1 13.38 -0.41 -3.50
C GLY A 1 12.07 -0.51 -2.75
N ALA A 2 11.60 0.61 -2.21
CA ALA A 2 10.35 0.63 -1.47
C ALA A 2 9.19 1.09 -2.36
N ALA A 3 9.32 0.85 -3.65
CA ALA A 3 8.29 1.23 -4.62
C ALA A 3 6.95 0.57 -4.27
N LEU A 4 7.02 -0.57 -3.58
CA LEU A 4 5.81 -1.29 -3.20
C LEU A 4 5.31 -0.82 -1.84
N GLN A 5 6.16 -0.10 -1.11
CA GLN A 5 5.79 0.41 0.21
C GLN A 5 4.82 1.57 0.08
N ILE A 6 4.74 2.15 -1.11
CA ILE A 6 3.85 3.28 -1.36
C ILE A 6 2.42 2.81 -1.58
N PRO A 7 2.22 1.95 -2.58
CA PRO A 7 0.90 1.39 -2.91
C PRO A 7 0.40 0.42 -1.86
N PHE A 8 1.31 -0.05 -1.01
CA PHE A 8 0.95 -0.99 0.05
C PHE A 8 0.11 -0.30 1.12
N ALA A 9 0.39 0.98 1.36
CA ALA A 9 -0.34 1.74 2.35
C ALA A 9 -1.78 1.98 1.92
N MET A 10 -1.96 2.34 0.65
CA MET A 10 -3.30 2.58 0.12
C MET A 10 -4.02 1.28 -0.17
N GLN A 11 -3.27 0.26 -0.57
CA GLN A 11 -3.83 -1.05 -0.87
C GLN A 11 -4.57 -1.62 0.33
N MET A 12 -4.14 -1.22 1.53
CA MET A 12 -4.75 -1.69 2.76
C MET A 12 -5.88 -0.77 3.19
N ALA A 13 -5.75 0.51 2.87
CA ALA A 13 -6.77 1.50 3.23
C ALA A 13 -8.15 1.06 2.76
N TYR A 14 -8.22 0.47 1.58
CA TYR A 14 -9.48 0.00 1.03
C TYR A 14 -9.72 -1.46 1.38
N ARG A 15 -8.63 -2.21 1.53
CA ARG A 15 -8.72 -3.63 1.87
C ARG A 15 -9.53 -3.82 3.15
N PHE A 16 -9.61 -2.77 3.97
CA PHE A 16 -10.34 -2.84 5.22
C PHE A 16 -11.75 -3.37 5.01
N GLY A 1 12.93 -0.47 -4.80
CA GLY A 1 13.07 -0.81 -3.40
C GLY A 1 11.78 -0.64 -2.62
N ALA A 2 11.43 0.61 -2.34
CA ALA A 2 10.21 0.90 -1.60
C ALA A 2 9.08 1.32 -2.53
N ALA A 3 9.11 0.79 -3.75
CA ALA A 3 8.09 1.10 -4.75
C ALA A 3 6.76 0.43 -4.40
N LEU A 4 6.84 -0.67 -3.65
CA LEU A 4 5.65 -1.39 -3.24
C LEU A 4 5.10 -0.86 -1.93
N GLN A 5 5.93 -0.10 -1.22
CA GLN A 5 5.52 0.48 0.06
C GLN A 5 4.52 1.61 -0.14
N ILE A 6 4.45 2.13 -1.37
CA ILE A 6 3.54 3.21 -1.69
C ILE A 6 2.12 2.70 -1.91
N PRO A 7 1.97 1.77 -2.87
CA PRO A 7 0.67 1.17 -3.20
C PRO A 7 0.16 0.25 -2.09
N PHE A 8 1.07 -0.14 -1.20
CA PHE A 8 0.71 -1.04 -0.10
C PHE A 8 -0.15 -0.30 0.93
N ALA A 9 0.11 0.98 1.10
CA ALA A 9 -0.63 1.80 2.06
C ALA A 9 -1.99 2.19 1.49
N MET A 10 -2.10 2.19 0.16
CA MET A 10 -3.35 2.56 -0.50
C MET A 10 -4.20 1.32 -0.77
N GLN A 11 -3.53 0.19 -1.00
CA GLN A 11 -4.23 -1.06 -1.27
C GLN A 11 -4.80 -1.66 0.02
N MET A 12 -4.16 -1.36 1.14
CA MET A 12 -4.61 -1.86 2.44
C MET A 12 -5.57 -0.88 3.09
N ALA A 13 -5.39 0.40 2.80
CA ALA A 13 -6.25 1.45 3.36
C ALA A 13 -7.72 1.14 3.09
N TYR A 14 -8.02 0.64 1.91
CA TYR A 14 -9.39 0.30 1.54
C TYR A 14 -9.70 -1.15 1.85
N ARG A 15 -8.68 -1.99 1.81
CA ARG A 15 -8.85 -3.41 2.10
C ARG A 15 -9.47 -3.62 3.47
N PHE A 16 -9.32 -2.62 4.34
CA PHE A 16 -9.87 -2.69 5.69
C PHE A 16 -11.34 -3.10 5.67
N GLY A 1 11.29 -2.45 0.64
CA GLY A 1 10.53 -2.19 -0.57
C GLY A 1 9.78 -0.87 -0.52
N ALA A 2 10.52 0.23 -0.48
CA ALA A 2 9.92 1.55 -0.43
C ALA A 2 8.99 1.78 -1.63
N ALA A 3 9.33 1.16 -2.75
CA ALA A 3 8.52 1.29 -3.96
C ALA A 3 7.19 0.57 -3.82
N LEU A 4 7.17 -0.49 -3.01
CA LEU A 4 5.97 -1.26 -2.79
C LEU A 4 5.15 -0.69 -1.63
N GLN A 5 5.79 0.14 -0.82
CA GLN A 5 5.13 0.76 0.33
C GLN A 5 4.19 1.87 -0.12
N ILE A 6 4.37 2.33 -1.35
CA ILE A 6 3.53 3.40 -1.90
C ILE A 6 2.17 2.86 -2.33
N PRO A 7 2.18 1.86 -3.23
CA PRO A 7 0.95 1.24 -3.74
C PRO A 7 0.25 0.39 -2.68
N PHE A 8 1.02 -0.46 -2.02
CA PHE A 8 0.47 -1.33 -0.97
C PHE A 8 -0.21 -0.50 0.11
N ALA A 9 0.33 0.68 0.39
CA ALA A 9 -0.23 1.56 1.41
C ALA A 9 -1.72 1.78 1.17
N MET A 10 -2.06 2.27 -0.01
CA MET A 10 -3.46 2.52 -0.35
C MET A 10 -4.25 1.23 -0.45
N GLN A 11 -3.60 0.18 -0.98
CA GLN A 11 -4.25 -1.11 -1.13
C GLN A 11 -4.75 -1.63 0.21
N MET A 12 -4.10 -1.19 1.29
CA MET A 12 -4.48 -1.61 2.64
C MET A 12 -5.50 -0.66 3.23
N ALA A 13 -5.44 0.61 2.83
CA ALA A 13 -6.36 1.63 3.32
C ALA A 13 -7.81 1.19 3.13
N TYR A 14 -8.08 0.57 1.99
CA TYR A 14 -9.43 0.11 1.67
C TYR A 14 -9.64 -1.34 2.12
N ARG A 15 -8.54 -2.10 2.12
CA ARG A 15 -8.59 -3.49 2.53
C ARG A 15 -9.17 -3.64 3.93
N PHE A 16 -9.09 -2.57 4.71
CA PHE A 16 -9.61 -2.57 6.07
C PHE A 16 -11.05 -3.09 6.11
N GLY A 1 11.22 -2.65 -2.82
CA GLY A 1 10.86 -2.41 -1.44
C GLY A 1 10.35 -1.00 -1.22
N ALA A 2 11.02 -0.02 -1.83
CA ALA A 2 10.62 1.38 -1.68
C ALA A 2 9.47 1.71 -2.62
N ALA A 3 9.40 1.01 -3.74
CA ALA A 3 8.34 1.24 -4.72
C ALA A 3 7.05 0.55 -4.30
N LEU A 4 7.18 -0.50 -3.49
CA LEU A 4 6.01 -1.24 -3.03
C LEU A 4 5.49 -0.65 -1.72
N GLN A 5 6.30 0.18 -1.08
CA GLN A 5 5.91 0.81 0.18
C GLN A 5 4.87 1.90 -0.06
N ILE A 6 4.77 2.35 -1.31
CA ILE A 6 3.81 3.39 -1.66
C ILE A 6 2.40 2.81 -1.82
N PRO A 7 2.25 1.84 -2.73
CA PRO A 7 0.97 1.18 -2.98
C PRO A 7 0.52 0.31 -1.82
N PHE A 8 1.45 -0.02 -0.93
CA PHE A 8 1.15 -0.85 0.22
C PHE A 8 0.27 -0.11 1.22
N ALA A 9 0.46 1.20 1.29
CA ALA A 9 -0.33 2.03 2.20
C ALA A 9 -1.76 2.21 1.69
N MET A 10 -1.91 2.18 0.37
CA MET A 10 -3.23 2.34 -0.25
C MET A 10 -3.94 0.99 -0.35
N GLN A 11 -3.17 -0.07 -0.58
CA GLN A 11 -3.74 -1.40 -0.70
C GLN A 11 -4.45 -1.82 0.60
N MET A 12 -4.01 -1.24 1.71
CA MET A 12 -4.60 -1.55 3.01
C MET A 12 -5.73 -0.57 3.34
N ALA A 13 -5.67 0.61 2.73
CA ALA A 13 -6.68 1.63 2.96
C ALA A 13 -8.06 1.14 2.53
N TYR A 14 -8.11 0.38 1.45
CA TYR A 14 -9.36 -0.14 0.92
C TYR A 14 -9.65 -1.53 1.50
N ARG A 15 -8.58 -2.26 1.81
CA ARG A 15 -8.72 -3.61 2.36
C ARG A 15 -9.53 -3.58 3.65
N PHE A 16 -9.60 -2.41 4.28
CA PHE A 16 -10.34 -2.25 5.53
C PHE A 16 -11.76 -2.79 5.38
N GLY A 1 11.22 -2.57 -3.12
CA GLY A 1 10.81 -2.44 -1.73
C GLY A 1 10.25 -1.07 -1.43
N ALA A 2 10.89 -0.03 -1.96
CA ALA A 2 10.45 1.34 -1.74
C ALA A 2 9.28 1.69 -2.66
N ALA A 3 9.23 1.07 -3.83
CA ALA A 3 8.16 1.31 -4.79
C ALA A 3 6.87 0.61 -4.37
N LEU A 4 7.03 -0.46 -3.59
CA LEU A 4 5.87 -1.23 -3.12
C LEU A 4 5.35 -0.67 -1.80
N GLN A 5 6.17 0.15 -1.14
CA GLN A 5 5.80 0.74 0.13
C GLN A 5 4.76 1.84 -0.07
N ILE A 6 4.62 2.31 -1.30
CA ILE A 6 3.66 3.35 -1.62
C ILE A 6 2.25 2.77 -1.77
N PRO A 7 2.10 1.82 -2.70
CA PRO A 7 0.81 1.16 -2.95
C PRO A 7 0.38 0.26 -1.81
N PHE A 8 1.34 -0.09 -0.95
CA PHE A 8 1.06 -0.95 0.19
C PHE A 8 0.15 -0.25 1.20
N ALA A 9 0.30 1.06 1.31
CA ALA A 9 -0.52 1.85 2.23
C ALA A 9 -1.93 2.03 1.70
N MET A 10 -2.07 2.04 0.38
CA MET A 10 -3.37 2.20 -0.25
C MET A 10 -4.07 0.86 -0.40
N GLN A 11 -3.29 -0.20 -0.55
CA GLN A 11 -3.84 -1.55 -0.71
C GLN A 11 -4.55 -1.99 0.57
N MET A 12 -4.13 -1.43 1.71
CA MET A 12 -4.73 -1.77 2.99
C MET A 12 -5.87 -0.81 3.32
N ALA A 13 -5.82 0.39 2.75
CA ALA A 13 -6.85 1.39 2.99
C ALA A 13 -8.22 0.90 2.53
N TYR A 14 -8.24 0.16 1.43
CA TYR A 14 -9.48 -0.35 0.88
C TYR A 14 -9.76 -1.76 1.43
N ARG A 15 -8.70 -2.49 1.73
CA ARG A 15 -8.83 -3.85 2.25
C ARG A 15 -9.65 -3.86 3.53
N PHE A 16 -9.74 -2.70 4.19
CA PHE A 16 -10.49 -2.57 5.42
C PHE A 16 -11.91 -3.12 5.25
N GLY A 1 11.16 -2.68 -3.65
CA GLY A 1 11.34 -2.36 -2.24
C GLY A 1 10.50 -1.18 -1.80
N ALA A 2 11.06 0.02 -1.96
CA ALA A 2 10.36 1.24 -1.58
C ALA A 2 9.19 1.52 -2.51
N ALA A 3 9.30 1.03 -3.74
CA ALA A 3 8.25 1.24 -4.73
C ALA A 3 6.96 0.54 -4.31
N LEU A 4 7.09 -0.51 -3.50
CA LEU A 4 5.94 -1.27 -3.02
C LEU A 4 5.40 -0.67 -1.72
N GLN A 5 6.20 0.18 -1.09
CA GLN A 5 5.80 0.82 0.16
C GLN A 5 4.75 1.89 -0.10
N ILE A 6 4.64 2.32 -1.35
CA ILE A 6 3.66 3.35 -1.72
C ILE A 6 2.27 2.75 -1.87
N PRO A 7 2.14 1.76 -2.77
CA PRO A 7 0.86 1.09 -3.02
C PRO A 7 0.42 0.22 -1.86
N PHE A 8 1.36 -0.09 -0.97
CA PHE A 8 1.07 -0.92 0.19
C PHE A 8 0.18 -0.17 1.19
N ALA A 9 0.38 1.13 1.27
CA ALA A 9 -0.40 1.97 2.18
C ALA A 9 -1.83 2.14 1.69
N MET A 10 -2.00 2.11 0.37
CA MET A 10 -3.32 2.26 -0.24
C MET A 10 -4.03 0.92 -0.34
N GLN A 11 -3.26 -0.14 -0.59
CA GLN A 11 -3.81 -1.48 -0.72
C GLN A 11 -4.51 -1.90 0.57
N MET A 12 -4.07 -1.33 1.68
CA MET A 12 -4.66 -1.64 2.99
C MET A 12 -5.79 -0.69 3.32
N ALA A 13 -5.75 0.51 2.73
CA ALA A 13 -6.78 1.52 2.96
C ALA A 13 -8.16 1.01 2.52
N TYR A 14 -8.19 0.26 1.43
CA TYR A 14 -9.43 -0.28 0.92
C TYR A 14 -9.71 -1.68 1.48
N ARG A 15 -8.64 -2.40 1.79
CA ARG A 15 -8.76 -3.74 2.34
C ARG A 15 -9.57 -3.73 3.63
N PHE A 16 -9.65 -2.57 4.27
CA PHE A 16 -10.39 -2.42 5.51
C PHE A 16 -11.81 -2.97 5.36
N GLY A 1 12.49 -2.24 -2.07
CA GLY A 1 11.16 -2.24 -1.49
C GLY A 1 10.64 -0.84 -1.19
N ALA A 2 10.76 0.05 -2.16
CA ALA A 2 10.31 1.43 -2.00
C ALA A 2 9.14 1.73 -2.94
N ALA A 3 9.09 1.05 -4.07
CA ALA A 3 8.03 1.25 -5.05
C ALA A 3 6.76 0.54 -4.61
N LEU A 4 6.90 -0.54 -3.85
CA LEU A 4 5.76 -1.30 -3.37
C LEU A 4 5.27 -0.77 -2.03
N GLN A 5 6.10 0.05 -1.38
CA GLN A 5 5.74 0.63 -0.09
C GLN A 5 4.70 1.73 -0.26
N ILE A 6 4.56 2.22 -1.49
CA ILE A 6 3.59 3.27 -1.78
C ILE A 6 2.18 2.70 -1.90
N PRO A 7 2.01 1.76 -2.84
CA PRO A 7 0.71 1.12 -3.09
C PRO A 7 0.30 0.20 -1.95
N PHE A 8 1.26 -0.17 -1.10
CA PHE A 8 0.99 -1.04 0.02
C PHE A 8 0.18 -0.33 1.09
N ALA A 9 0.39 0.98 1.22
CA ALA A 9 -0.33 1.78 2.20
C ALA A 9 -1.77 2.02 1.75
N MET A 10 -1.98 2.11 0.44
CA MET A 10 -3.30 2.34 -0.12
C MET A 10 -4.06 1.03 -0.27
N GLN A 11 -3.32 -0.05 -0.56
CA GLN A 11 -3.94 -1.36 -0.74
C GLN A 11 -4.60 -1.82 0.55
N MET A 12 -4.13 -1.33 1.68
CA MET A 12 -4.68 -1.69 2.98
C MET A 12 -5.77 -0.71 3.39
N ALA A 13 -5.70 0.51 2.87
CA ALA A 13 -6.68 1.54 3.18
C ALA A 13 -8.08 1.10 2.77
N TYR A 14 -8.17 0.42 1.64
CA TYR A 14 -9.46 -0.05 1.13
C TYR A 14 -9.77 -1.46 1.63
N ARG A 15 -8.72 -2.24 1.86
CA ARG A 15 -8.87 -3.60 2.34
C ARG A 15 -9.64 -3.64 3.66
N PHE A 16 -9.65 -2.50 4.36
CA PHE A 16 -10.36 -2.40 5.63
C PHE A 16 -11.80 -2.89 5.50
N GLY A 1 10.89 -2.72 -2.77
CA GLY A 1 10.96 -2.35 -1.37
C GLY A 1 10.54 -0.91 -1.14
N ALA A 2 11.02 -0.01 -1.98
CA ALA A 2 10.70 1.41 -1.86
C ALA A 2 9.53 1.78 -2.77
N ALA A 3 9.36 1.02 -3.85
CA ALA A 3 8.29 1.27 -4.80
C ALA A 3 7.00 0.56 -4.38
N LEU A 4 7.15 -0.51 -3.61
CA LEU A 4 6.00 -1.27 -3.13
C LEU A 4 5.49 -0.72 -1.80
N GLN A 5 6.31 0.10 -1.15
CA GLN A 5 5.94 0.69 0.13
C GLN A 5 4.90 1.79 -0.06
N ILE A 6 4.77 2.26 -1.30
CA ILE A 6 3.80 3.31 -1.61
C ILE A 6 2.39 2.73 -1.75
N PRO A 7 2.23 1.78 -2.67
CA PRO A 7 0.94 1.13 -2.93
C PRO A 7 0.52 0.22 -1.78
N PHE A 8 1.47 -0.13 -0.92
CA PHE A 8 1.20 -1.00 0.22
C PHE A 8 0.34 -0.29 1.24
N ALA A 9 0.52 1.03 1.36
CA ALA A 9 -0.25 1.82 2.31
C ALA A 9 -1.67 2.03 1.82
N MET A 10 -1.85 2.06 0.51
CA MET A 10 -3.17 2.25 -0.09
C MET A 10 -3.90 0.92 -0.23
N GLN A 11 -3.14 -0.15 -0.48
CA GLN A 11 -3.72 -1.47 -0.64
C GLN A 11 -4.43 -1.92 0.64
N MET A 12 -3.98 -1.38 1.77
CA MET A 12 -4.56 -1.72 3.06
C MET A 12 -5.68 -0.75 3.43
N ALA A 13 -5.61 0.45 2.86
CA ALA A 13 -6.62 1.48 3.12
C ALA A 13 -8.00 1.01 2.69
N TYR A 14 -8.06 0.29 1.57
CA TYR A 14 -9.32 -0.21 1.04
C TYR A 14 -9.61 -1.61 1.58
N ARG A 15 -8.56 -2.37 1.85
CA ARG A 15 -8.70 -3.73 2.37
C ARG A 15 -9.51 -3.73 3.67
N PHE A 16 -9.56 -2.58 4.33
CA PHE A 16 -10.30 -2.46 5.59
C PHE A 16 -11.73 -2.98 5.43
N GLY A 1 12.86 -2.41 -1.36
CA GLY A 1 11.43 -2.32 -1.43
C GLY A 1 10.90 -0.93 -1.10
N ALA A 2 11.00 -0.02 -2.05
CA ALA A 2 10.55 1.35 -1.85
C ALA A 2 9.36 1.68 -2.76
N ALA A 3 9.31 1.00 -3.90
CA ALA A 3 8.23 1.21 -4.86
C ALA A 3 6.95 0.52 -4.42
N LEU A 4 7.10 -0.53 -3.62
CA LEU A 4 5.95 -1.29 -3.13
C LEU A 4 5.44 -0.70 -1.81
N GLN A 5 6.26 0.13 -1.18
CA GLN A 5 5.89 0.75 0.08
C GLN A 5 4.84 1.84 -0.13
N ILE A 6 4.71 2.29 -1.38
CA ILE A 6 3.74 3.32 -1.71
C ILE A 6 2.34 2.74 -1.84
N PRO A 7 2.18 1.77 -2.74
CA PRO A 7 0.88 1.11 -2.99
C PRO A 7 0.46 0.23 -1.82
N PHE A 8 1.42 -0.11 -0.96
CA PHE A 8 1.14 -0.95 0.20
C PHE A 8 0.26 -0.22 1.21
N ALA A 9 0.44 1.10 1.29
CA ALA A 9 -0.35 1.91 2.22
C ALA A 9 -1.76 2.13 1.68
N MET A 10 -1.91 2.14 0.37
CA MET A 10 -3.21 2.33 -0.26
C MET A 10 -3.95 1.01 -0.39
N GLN A 11 -3.20 -0.07 -0.56
CA GLN A 11 -3.80 -1.40 -0.70
C GLN A 11 -4.51 -1.81 0.58
N MET A 12 -4.06 -1.27 1.70
CA MET A 12 -4.65 -1.58 3.00
C MET A 12 -5.76 -0.58 3.35
N ALA A 13 -5.68 0.60 2.76
CA ALA A 13 -6.67 1.65 3.02
C ALA A 13 -8.06 1.20 2.57
N TYR A 14 -8.11 0.46 1.47
CA TYR A 14 -9.38 -0.03 0.95
C TYR A 14 -9.70 -1.42 1.50
N ARG A 15 -8.65 -2.19 1.79
CA ARG A 15 -8.82 -3.53 2.32
C ARG A 15 -9.64 -3.51 3.61
N PHE A 16 -9.67 -2.35 4.27
CA PHE A 16 -10.41 -2.20 5.51
C PHE A 16 -11.85 -2.70 5.35
N GLY A 1 10.24 -3.09 -1.54
CA GLY A 1 11.10 -2.04 -1.04
C GLY A 1 10.38 -0.73 -0.87
N ALA A 2 10.85 0.30 -1.58
CA ALA A 2 10.23 1.62 -1.50
C ALA A 2 9.11 1.77 -2.52
N ALA A 3 9.21 1.01 -3.60
CA ALA A 3 8.20 1.06 -4.66
C ALA A 3 6.92 0.36 -4.22
N LEU A 4 7.06 -0.61 -3.32
CA LEU A 4 5.91 -1.37 -2.81
C LEU A 4 5.31 -0.68 -1.59
N GLN A 5 6.06 0.24 -1.00
CA GLN A 5 5.60 0.97 0.18
C GLN A 5 4.53 1.99 -0.20
N ILE A 6 4.44 2.30 -1.49
CA ILE A 6 3.46 3.26 -1.97
C ILE A 6 2.09 2.62 -2.11
N PRO A 7 2.02 1.55 -2.93
CA PRO A 7 0.77 0.83 -3.17
C PRO A 7 0.31 0.04 -1.95
N PHE A 8 1.23 -0.15 -1.00
CA PHE A 8 0.92 -0.89 0.22
C PHE A 8 -0.02 -0.09 1.12
N ALA A 9 0.13 1.23 1.09
CA ALA A 9 -0.71 2.11 1.90
C ALA A 9 -2.07 2.32 1.26
N MET A 10 -2.13 2.13 -0.06
CA MET A 10 -3.37 2.30 -0.80
C MET A 10 -4.14 0.99 -0.91
N GLN A 11 -3.39 -0.11 -0.90
CA GLN A 11 -4.00 -1.44 -0.98
C GLN A 11 -4.57 -1.87 0.36
N MET A 12 -3.99 -1.35 1.44
CA MET A 12 -4.44 -1.69 2.78
C MET A 12 -5.47 -0.68 3.27
N ALA A 13 -5.44 0.52 2.71
CA ALA A 13 -6.37 1.59 3.08
C ALA A 13 -7.80 1.17 2.79
N TYR A 14 -8.00 0.46 1.68
CA TYR A 14 -9.33 0.01 1.29
C TYR A 14 -9.62 -1.39 1.85
N ARG A 15 -8.56 -2.18 2.01
CA ARG A 15 -8.70 -3.53 2.53
C ARG A 15 -9.37 -3.53 3.91
N PHE A 16 -9.30 -2.38 4.58
CA PHE A 16 -9.90 -2.25 5.90
C PHE A 16 -11.36 -2.71 5.90
N GLY A 1 12.35 -2.59 -0.88
CA GLY A 1 10.95 -2.64 -1.25
C GLY A 1 10.23 -1.33 -1.02
N ALA A 2 10.86 -0.23 -1.45
CA ALA A 2 10.27 1.10 -1.28
C ALA A 2 9.14 1.33 -2.29
N ALA A 3 9.26 0.69 -3.46
CA ALA A 3 8.26 0.84 -4.50
C ALA A 3 6.94 0.17 -4.11
N LEU A 4 7.05 -0.84 -3.24
CA LEU A 4 5.88 -1.57 -2.78
C LEU A 4 5.28 -0.92 -1.53
N GLN A 5 6.06 -0.06 -0.90
CA GLN A 5 5.62 0.64 0.31
C GLN A 5 4.58 1.71 -0.03
N ILE A 6 4.52 2.08 -1.31
CA ILE A 6 3.58 3.10 -1.76
C ILE A 6 2.19 2.51 -1.94
N PRO A 7 2.08 1.48 -2.80
CA PRO A 7 0.81 0.82 -3.08
C PRO A 7 0.32 -0.01 -1.89
N PHE A 8 1.21 -0.26 -0.94
CA PHE A 8 0.87 -1.04 0.24
C PHE A 8 -0.04 -0.24 1.17
N ALA A 9 0.17 1.07 1.20
CA ALA A 9 -0.63 1.95 2.05
C ALA A 9 -1.98 2.23 1.42
N MET A 10 -2.05 2.11 0.10
CA MET A 10 -3.29 2.35 -0.63
C MET A 10 -4.09 1.06 -0.78
N GLN A 11 -3.39 -0.06 -0.86
CA GLN A 11 -4.04 -1.36 -1.01
C GLN A 11 -4.64 -1.82 0.31
N MET A 12 -4.04 -1.38 1.42
CA MET A 12 -4.50 -1.75 2.74
C MET A 12 -5.51 -0.74 3.27
N ALA A 13 -5.45 0.47 2.73
CA ALA A 13 -6.35 1.54 3.15
C ALA A 13 -7.81 1.18 2.83
N TYR A 14 -8.01 0.53 1.69
CA TYR A 14 -9.35 0.15 1.26
C TYR A 14 -9.68 -1.26 1.74
N ARG A 15 -8.66 -2.09 1.90
CA ARG A 15 -8.83 -3.47 2.35
C ARG A 15 -9.54 -3.50 3.70
N PHE A 16 -9.49 -2.38 4.43
CA PHE A 16 -10.13 -2.28 5.74
C PHE A 16 -11.58 -2.75 5.68
N GLY A 1 13.39 0.53 -4.18
CA GLY A 1 13.21 -0.39 -3.07
C GLY A 1 11.90 -0.16 -2.35
N ALA A 2 11.48 1.10 -2.25
CA ALA A 2 10.23 1.44 -1.59
C ALA A 2 9.08 1.57 -2.59
N ALA A 3 9.22 0.88 -3.72
CA ALA A 3 8.19 0.92 -4.75
C ALA A 3 6.92 0.22 -4.30
N LEU A 4 7.07 -0.76 -3.42
CA LEU A 4 5.94 -1.52 -2.90
C LEU A 4 5.36 -0.84 -1.66
N GLN A 5 6.13 0.05 -1.07
CA GLN A 5 5.70 0.76 0.13
C GLN A 5 4.63 1.80 -0.21
N ILE A 6 4.52 2.14 -1.48
CA ILE A 6 3.54 3.11 -1.94
C ILE A 6 2.15 2.48 -2.06
N PRO A 7 2.05 1.43 -2.89
CA PRO A 7 0.80 0.72 -3.12
C PRO A 7 0.36 -0.09 -1.90
N PHE A 8 1.29 -0.29 -0.97
CA PHE A 8 1.00 -1.05 0.25
C PHE A 8 0.10 -0.25 1.18
N ALA A 9 0.28 1.08 1.17
CA ALA A 9 -0.53 1.95 2.02
C ALA A 9 -1.90 2.21 1.41
N MET A 10 -1.99 2.05 0.08
CA MET A 10 -3.24 2.27 -0.63
C MET A 10 -4.03 0.97 -0.74
N GLN A 11 -3.32 -0.15 -0.77
CA GLN A 11 -3.96 -1.46 -0.89
C GLN A 11 -4.53 -1.90 0.45
N MET A 12 -3.93 -1.42 1.53
CA MET A 12 -4.40 -1.76 2.88
C MET A 12 -5.41 -0.74 3.39
N ALA A 13 -5.35 0.47 2.84
CA ALA A 13 -6.26 1.54 3.24
C ALA A 13 -7.70 1.15 2.94
N TYR A 14 -7.92 0.46 1.83
CA TYR A 14 -9.25 0.04 1.43
C TYR A 14 -9.57 -1.34 1.96
N ARG A 15 -8.52 -2.16 2.11
CA ARG A 15 -8.69 -3.53 2.61
C ARG A 15 -9.35 -3.53 3.98
N PHE A 16 -9.27 -2.39 4.67
CA PHE A 16 -9.86 -2.27 6.00
C PHE A 16 -11.32 -2.70 5.99
N GLY A 1 12.41 -2.20 -0.69
CA GLY A 1 11.22 -2.08 -1.52
C GLY A 1 10.40 -0.86 -1.19
N ALA A 2 10.96 0.32 -1.43
CA ALA A 2 10.26 1.57 -1.15
C ALA A 2 9.16 1.82 -2.18
N ALA A 3 9.34 1.32 -3.38
CA ALA A 3 8.36 1.48 -4.45
C ALA A 3 7.08 0.72 -4.13
N LEU A 4 7.20 -0.33 -3.32
CA LEU A 4 6.05 -1.14 -2.94
C LEU A 4 5.38 -0.59 -1.68
N GLN A 5 6.10 0.28 -0.98
CA GLN A 5 5.58 0.89 0.24
C GLN A 5 4.49 1.92 -0.08
N ILE A 6 4.46 2.36 -1.32
CA ILE A 6 3.48 3.35 -1.77
C ILE A 6 2.13 2.70 -2.03
N PRO A 7 2.11 1.72 -2.94
CA PRO A 7 0.89 1.00 -3.30
C PRO A 7 0.39 0.09 -2.17
N PHE A 8 1.26 -0.17 -1.21
CA PHE A 8 0.92 -1.02 -0.08
C PHE A 8 0.10 -0.25 0.95
N ALA A 9 0.30 1.06 1.00
CA ALA A 9 -0.43 1.91 1.94
C ALA A 9 -1.82 2.25 1.41
N MET A 10 -1.98 2.18 0.10
CA MET A 10 -3.26 2.48 -0.53
C MET A 10 -4.10 1.20 -0.70
N GLN A 11 -3.40 0.07 -0.82
CA GLN A 11 -4.08 -1.21 -0.99
C GLN A 11 -4.62 -1.73 0.35
N MET A 12 -3.97 -1.33 1.43
CA MET A 12 -4.38 -1.75 2.76
C MET A 12 -5.34 -0.74 3.38
N ALA A 13 -5.27 0.49 2.91
CA ALA A 13 -6.14 1.56 3.41
C ALA A 13 -7.60 1.23 3.16
N TYR A 14 -7.88 0.62 2.00
CA TYR A 14 -9.24 0.27 1.63
C TYR A 14 -9.57 -1.16 2.08
N ARG A 15 -8.54 -2.01 2.14
CA ARG A 15 -8.73 -3.39 2.55
C ARG A 15 -9.34 -3.47 3.95
N PHE A 16 -9.19 -2.39 4.70
CA PHE A 16 -9.74 -2.33 6.06
C PHE A 16 -11.21 -2.73 6.08
N GLY A 1 11.33 -2.73 -0.36
CA GLY A 1 10.77 -2.23 -1.60
C GLY A 1 10.25 -0.81 -1.48
N ALA A 2 11.07 0.15 -1.86
CA ALA A 2 10.69 1.56 -1.80
C ALA A 2 9.52 1.84 -2.73
N ALA A 3 9.44 1.10 -3.83
CA ALA A 3 8.37 1.28 -4.81
C ALA A 3 7.10 0.56 -4.36
N LEU A 4 7.26 -0.46 -3.54
CA LEU A 4 6.12 -1.22 -3.03
C LEU A 4 5.59 -0.62 -1.74
N GLN A 5 6.38 0.25 -1.12
CA GLN A 5 5.99 0.90 0.13
C GLN A 5 4.93 1.96 -0.14
N ILE A 6 4.79 2.37 -1.39
CA ILE A 6 3.81 3.38 -1.76
C ILE A 6 2.42 2.77 -1.89
N PRO A 7 2.29 1.77 -2.77
CA PRO A 7 1.02 1.08 -3.00
C PRO A 7 0.60 0.21 -1.82
N PHE A 8 1.55 -0.08 -0.94
CA PHE A 8 1.28 -0.88 0.24
C PHE A 8 0.40 -0.13 1.23
N ALA A 9 0.58 1.18 1.29
CA ALA A 9 -0.21 2.02 2.19
C ALA A 9 -1.64 2.17 1.70
N MET A 10 -1.82 2.14 0.38
CA MET A 10 -3.14 2.27 -0.21
C MET A 10 -3.84 0.91 -0.29
N GLN A 11 -3.06 -0.14 -0.52
CA GLN A 11 -3.61 -1.49 -0.63
C GLN A 11 -4.29 -1.89 0.67
N MET A 12 -3.85 -1.30 1.78
CA MET A 12 -4.42 -1.60 3.09
C MET A 12 -5.56 -0.65 3.42
N ALA A 13 -5.54 0.53 2.81
CA ALA A 13 -6.56 1.54 3.03
C ALA A 13 -7.94 1.02 2.62
N TYR A 14 -7.97 0.25 1.53
CA TYR A 14 -9.22 -0.30 1.04
C TYR A 14 -9.48 -1.68 1.64
N ARG A 15 -8.40 -2.40 1.94
CA ARG A 15 -8.51 -3.74 2.51
C ARG A 15 -9.32 -3.71 3.80
N PHE A 16 -9.39 -2.54 4.42
CA PHE A 16 -10.12 -2.38 5.67
C PHE A 16 -11.54 -2.94 5.55
N GLY A 1 13.35 -0.25 -4.44
CA GLY A 1 13.20 -0.88 -3.14
C GLY A 1 12.01 -0.36 -2.37
N ALA A 2 11.75 0.94 -2.49
CA ALA A 2 10.62 1.56 -1.81
C ALA A 2 9.46 1.83 -2.77
N ALA A 3 9.37 1.02 -3.81
CA ALA A 3 8.31 1.16 -4.81
C ALA A 3 7.04 0.46 -4.35
N LEU A 4 7.19 -0.54 -3.49
CA LEU A 4 6.04 -1.30 -2.99
C LEU A 4 5.50 -0.66 -1.71
N GLN A 5 6.28 0.23 -1.12
CA GLN A 5 5.88 0.91 0.11
C GLN A 5 4.81 1.97 -0.19
N ILE A 6 4.69 2.34 -1.45
CA ILE A 6 3.71 3.33 -1.86
C ILE A 6 2.32 2.72 -1.98
N PRO A 7 2.20 1.69 -2.85
CA PRO A 7 0.93 0.99 -3.07
C PRO A 7 0.51 0.17 -1.87
N PHE A 8 1.45 -0.10 -0.96
CA PHE A 8 1.17 -0.88 0.23
C PHE A 8 0.25 -0.12 1.18
N ALA A 9 0.40 1.21 1.20
CA ALA A 9 -0.42 2.06 2.06
C ALA A 9 -1.83 2.19 1.52
N MET A 10 -1.96 2.10 0.20
CA MET A 10 -3.27 2.22 -0.44
C MET A 10 -3.97 0.86 -0.51
N GLN A 11 -3.17 -0.20 -0.64
CA GLN A 11 -3.72 -1.56 -0.72
C GLN A 11 -4.44 -1.92 0.58
N MET A 12 -4.02 -1.30 1.67
CA MET A 12 -4.63 -1.56 2.98
C MET A 12 -5.78 -0.59 3.24
N ALA A 13 -5.74 0.57 2.59
CA ALA A 13 -6.77 1.58 2.76
C ALA A 13 -8.13 1.05 2.34
N TYR A 14 -8.14 0.25 1.27
CA TYR A 14 -9.38 -0.33 0.76
C TYR A 14 -9.65 -1.68 1.39
N ARG A 15 -8.58 -2.39 1.74
CA ARG A 15 -8.71 -3.71 2.35
C ARG A 15 -9.55 -3.65 3.62
N PHE A 16 -9.63 -2.45 4.20
CA PHE A 16 -10.41 -2.26 5.42
C PHE A 16 -11.81 -2.83 5.27
#